data_3IM0
#
_entry.id   3IM0
#
_cell.length_a   40.402
_cell.length_b   71.121
_cell.length_c   100.705
_cell.angle_alpha   90.00
_cell.angle_beta   90.00
_cell.angle_gamma   90.00
#
_symmetry.space_group_name_H-M   'P 21 21 21'
#
loop_
_entity.id
_entity.type
_entity.pdbx_description
1 polymer VAL-1
2 non-polymer 'beta-D-glucopyranuronic acid'
3 water water
#
_entity_poly.entity_id   1
_entity_poly.type   'polypeptide(L)'
_entity_poly.pdbx_seq_one_letter_code
;TNVISTLDLNLLTKGGGSWNVDGVNMKKSAVTTFDGKRVVKAVYDKNSGTSANPGVGGFSFSAVPDGLNKNAITFAWEVF
YPKGFDFARGGKHGGTFIGHGAASGYQHSKTGASNRIMWQEKGGVIDYIYPPSDLKQKIPGLDPEGHGIGFFQDDFKNAL
KYDVWNRIEIGTKMNTFKNGIPQLDGESYVIVNGKKEVLKRINWSRSPDLLISRFDWNTFFGGPLPSPKNQVAYFTNFQM
KKYELEHHHHHH
;
_entity_poly.pdbx_strand_id   A
#
loop_
_chem_comp.id
_chem_comp.type
_chem_comp.name
_chem_comp.formula
BDP D-saccharide, beta linking 'beta-D-glucopyranuronic acid' 'C6 H10 O7'
#
# COMPACT_ATOMS: atom_id res chain seq x y z
N ASN A 2 -6.79 -13.27 -13.17
N ASN A 2 -6.41 -13.63 -13.61
CA ASN A 2 -5.66 -13.53 -12.28
CA ASN A 2 -5.59 -13.69 -12.40
C ASN A 2 -4.61 -12.43 -12.44
C ASN A 2 -4.62 -12.50 -12.38
N VAL A 3 -3.36 -12.80 -12.69
CA VAL A 3 -2.36 -11.72 -12.85
C VAL A 3 -2.52 -11.03 -14.21
N ILE A 4 -2.79 -9.73 -14.17
CA ILE A 4 -2.97 -8.93 -15.40
C ILE A 4 -1.60 -8.58 -15.98
N SER A 5 -0.70 -8.02 -15.17
CA SER A 5 0.67 -7.76 -15.55
C SER A 5 1.63 -7.75 -14.34
N THR A 6 2.89 -7.88 -14.69
CA THR A 6 3.93 -7.87 -13.68
C THR A 6 4.91 -6.75 -13.95
N LEU A 7 5.23 -5.94 -12.94
CA LEU A 7 6.25 -4.93 -13.12
C LEU A 7 7.63 -5.51 -13.42
N ASP A 8 8.29 -5.01 -14.46
CA ASP A 8 9.68 -5.32 -14.73
C ASP A 8 10.61 -4.39 -13.96
N LEU A 9 11.22 -4.89 -12.88
CA LEU A 9 12.05 -3.98 -12.06
C LEU A 9 13.26 -3.47 -12.84
N ASN A 10 13.66 -4.18 -13.89
CA ASN A 10 14.73 -3.58 -14.70
C ASN A 10 14.25 -2.32 -15.40
N LEU A 11 12.97 -1.98 -15.45
CA LEU A 11 12.51 -0.72 -16.02
C LEU A 11 12.03 0.32 -15.00
N LEU A 12 12.23 -0.04 -13.69
CA LEU A 12 11.68 0.82 -12.64
C LEU A 12 12.14 2.26 -12.72
N THR A 13 13.42 2.50 -13.03
CA THR A 13 13.87 3.89 -13.16
C THR A 13 13.75 4.42 -14.56
N LYS A 14 13.11 3.74 -15.52
N LYS A 14 13.14 3.62 -15.43
CA LYS A 14 13.07 4.38 -16.85
CA LYS A 14 13.07 3.97 -16.85
C LYS A 14 11.66 4.32 -17.43
C LYS A 14 11.63 3.93 -17.37
N GLY A 15 10.68 4.33 -16.53
CA GLY A 15 9.30 4.50 -17.00
C GLY A 15 8.45 3.28 -16.68
N GLY A 16 9.05 2.17 -16.32
CA GLY A 16 8.31 0.99 -15.92
C GLY A 16 7.56 0.30 -17.05
N GLY A 17 7.91 0.62 -18.31
CA GLY A 17 7.16 -0.12 -19.36
C GLY A 17 5.66 0.18 -19.27
N SER A 18 4.87 -0.89 -19.43
CA SER A 18 3.41 -0.80 -19.41
C SER A 18 2.83 -0.37 -18.06
N TRP A 19 3.68 -0.37 -17.01
CA TRP A 19 3.16 0.11 -15.72
C TRP A 19 3.15 1.61 -15.62
N ASN A 20 3.78 2.35 -16.53
CA ASN A 20 3.71 3.82 -16.47
C ASN A 20 4.09 4.42 -15.11
N VAL A 21 5.34 4.09 -14.78
CA VAL A 21 5.91 4.50 -13.49
C VAL A 21 6.51 5.89 -13.53
N ASP A 22 6.22 6.68 -12.50
CA ASP A 22 6.93 7.95 -12.36
C ASP A 22 7.06 8.22 -10.85
N GLY A 23 7.49 9.43 -10.53
CA GLY A 23 7.61 9.75 -9.09
C GLY A 23 8.58 8.85 -8.37
N VAL A 24 9.64 8.41 -9.03
CA VAL A 24 10.56 7.45 -8.44
C VAL A 24 11.58 8.13 -7.50
N ASN A 25 11.71 7.54 -6.33
CA ASN A 25 12.76 7.95 -5.38
C ASN A 25 13.34 6.68 -4.78
N MET A 26 14.51 6.36 -5.33
CA MET A 26 15.16 5.12 -4.93
C MET A 26 15.85 5.26 -3.58
N LYS A 27 16.18 6.51 -3.22
CA LYS A 27 16.90 6.73 -1.96
C LYS A 27 18.15 5.87 -1.95
N LYS A 28 18.45 5.05 -0.94
CA LYS A 28 19.59 4.17 -0.98
C LYS A 28 19.27 2.77 -1.50
N SER A 29 18.02 2.54 -1.89
CA SER A 29 17.58 1.23 -2.35
C SER A 29 18.06 0.98 -3.79
N ALA A 30 18.08 -0.30 -4.15
CA ALA A 30 18.58 -0.63 -5.48
C ALA A 30 18.00 -1.93 -5.99
N VAL A 31 17.78 -1.91 -7.33
CA VAL A 31 17.37 -3.13 -7.99
C VAL A 31 18.58 -4.05 -8.07
N THR A 32 18.42 -5.28 -7.64
CA THR A 32 19.52 -6.25 -7.63
C THR A 32 18.95 -7.67 -7.74
N THR A 33 19.81 -8.64 -7.52
CA THR A 33 19.41 -10.05 -7.54
C THR A 33 19.60 -10.61 -6.15
N PHE A 34 18.62 -11.31 -5.62
CA PHE A 34 18.72 -11.91 -4.29
C PHE A 34 17.91 -13.20 -4.31
N ASP A 35 18.47 -14.28 -3.79
CA ASP A 35 17.77 -15.57 -3.78
C ASP A 35 17.27 -15.96 -5.16
N GLY A 36 18.06 -15.63 -6.20
CA GLY A 36 17.82 -15.90 -7.59
C GLY A 36 16.69 -15.15 -8.24
N LYS A 37 16.20 -14.10 -7.59
CA LYS A 37 15.13 -13.26 -8.09
C LYS A 37 15.65 -11.86 -8.36
N ARG A 38 15.02 -11.19 -9.32
CA ARG A 38 15.25 -9.76 -9.48
C ARG A 38 14.37 -9.02 -8.48
N VAL A 39 15.01 -8.26 -7.60
CA VAL A 39 14.34 -7.63 -6.46
C VAL A 39 14.73 -6.18 -6.32
N VAL A 40 14.06 -5.48 -5.41
CA VAL A 40 14.58 -4.21 -4.91
C VAL A 40 15.06 -4.48 -3.47
N LYS A 41 16.32 -4.21 -3.23
CA LYS A 41 16.85 -4.21 -1.87
C LYS A 41 16.47 -2.89 -1.26
N ALA A 42 15.50 -2.89 -0.35
CA ALA A 42 15.01 -1.72 0.35
C ALA A 42 15.94 -1.49 1.55
N VAL A 43 16.62 -0.38 1.55
CA VAL A 43 17.64 -0.05 2.55
C VAL A 43 17.00 0.92 3.54
N TYR A 44 16.95 0.46 4.78
CA TYR A 44 16.39 1.31 5.82
C TYR A 44 17.50 1.66 6.83
N ASP A 45 17.94 2.92 6.77
CA ASP A 45 18.99 3.34 7.71
C ASP A 45 18.42 3.38 9.12
N LYS A 46 19.30 3.22 10.10
CA LYS A 46 18.92 3.54 11.48
CA LYS A 46 18.86 3.51 11.48
C LYS A 46 18.29 4.91 11.55
N ASN A 47 17.19 5.08 12.29
CA ASN A 47 16.55 6.36 12.50
C ASN A 47 15.96 6.97 11.21
N SER A 48 15.60 6.09 10.26
CA SER A 48 14.83 6.50 9.07
C SER A 48 13.33 6.19 9.24
N GLY A 49 12.53 6.98 8.55
CA GLY A 49 11.07 6.80 8.65
C GLY A 49 10.38 7.83 7.78
N THR A 50 9.75 8.81 8.42
CA THR A 50 9.12 9.90 7.74
C THR A 50 10.07 11.10 7.66
N SER A 51 9.61 12.25 7.18
CA SER A 51 10.59 13.35 7.21
C SER A 51 10.87 13.83 8.63
N ALA A 52 10.14 13.35 9.64
CA ALA A 52 10.50 13.71 11.01
C ALA A 52 11.72 12.96 11.49
N ASN A 53 12.25 12.03 10.72
CA ASN A 53 13.36 11.16 11.05
C ASN A 53 14.51 11.40 10.07
N PRO A 54 15.73 11.57 10.58
CA PRO A 54 16.82 12.05 9.71
C PRO A 54 17.48 11.03 8.81
N GLY A 55 17.32 9.75 9.06
CA GLY A 55 18.02 8.75 8.29
C GLY A 55 17.28 8.55 6.96
N VAL A 56 17.98 7.86 6.09
CA VAL A 56 17.34 7.57 4.79
C VAL A 56 16.81 6.14 4.78
N GLY A 57 15.57 5.95 4.31
CA GLY A 57 15.03 4.61 4.31
C GLY A 57 13.96 4.39 3.24
N GLY A 58 14.05 3.18 2.67
CA GLY A 58 12.94 2.72 1.83
C GLY A 58 13.14 3.25 0.42
N PHE A 59 12.04 3.30 -0.31
CA PHE A 59 11.99 3.86 -1.65
C PHE A 59 10.54 4.09 -2.06
N SER A 60 10.30 4.83 -3.13
CA SER A 60 8.95 5.11 -3.54
C SER A 60 8.87 5.19 -5.06
N PHE A 61 7.67 4.97 -5.54
CA PHE A 61 7.33 5.18 -6.96
C PHE A 61 5.82 5.19 -7.10
N SER A 62 5.32 5.73 -8.21
CA SER A 62 3.89 5.77 -8.48
CA SER A 62 3.88 5.72 -8.45
C SER A 62 3.65 5.03 -9.80
N ALA A 63 2.54 4.32 -9.93
CA ALA A 63 2.33 3.65 -11.24
C ALA A 63 0.88 3.79 -11.66
N VAL A 64 0.62 3.91 -12.98
CA VAL A 64 -0.76 3.84 -13.47
C VAL A 64 -0.77 2.78 -14.58
N PRO A 65 -0.71 1.50 -14.29
CA PRO A 65 -0.46 0.44 -15.29
C PRO A 65 -1.57 0.42 -16.34
N ASP A 66 -1.14 0.14 -17.59
CA ASP A 66 -2.15 -0.26 -18.59
C ASP A 66 -2.99 -1.40 -18.05
N GLY A 67 -4.33 -1.27 -18.22
CA GLY A 67 -5.16 -2.35 -17.70
C GLY A 67 -5.64 -2.05 -16.28
N LEU A 68 -5.28 -0.88 -15.75
CA LEU A 68 -5.81 -0.57 -14.41
C LEU A 68 -7.31 -0.39 -14.49
N ASN A 69 -8.01 -1.29 -13.81
CA ASN A 69 -9.49 -1.21 -13.76
C ASN A 69 -9.89 -0.21 -12.69
N LYS A 70 -10.54 0.89 -13.06
CA LYS A 70 -10.83 2.01 -12.17
C LYS A 70 -11.90 1.64 -11.15
N ASN A 71 -12.66 0.57 -11.40
CA ASN A 71 -13.68 0.15 -10.45
C ASN A 71 -13.23 -0.87 -9.43
N ALA A 72 -12.27 -1.72 -9.75
CA ALA A 72 -11.76 -2.68 -8.81
C ALA A 72 -10.44 -3.26 -9.29
N ILE A 73 -9.50 -3.35 -8.37
CA ILE A 73 -8.18 -3.84 -8.79
C ILE A 73 -7.44 -4.33 -7.54
N THR A 74 -6.53 -5.26 -7.76
CA THR A 74 -5.65 -5.76 -6.69
C THR A 74 -4.20 -5.56 -7.09
N PHE A 75 -3.39 -5.19 -6.09
CA PHE A 75 -1.95 -5.12 -6.29
C PHE A 75 -1.30 -6.12 -5.33
N ALA A 76 -0.19 -6.69 -5.73
CA ALA A 76 0.41 -7.77 -4.98
C ALA A 76 1.93 -7.71 -5.10
N TRP A 77 2.60 -8.22 -4.06
CA TRP A 77 4.05 -8.22 -4.10
C TRP A 77 4.56 -9.25 -3.08
N GLU A 78 5.83 -9.58 -3.18
CA GLU A 78 6.44 -10.49 -2.21
C GLU A 78 7.54 -9.75 -1.46
N VAL A 79 7.73 -10.11 -0.20
CA VAL A 79 8.81 -9.44 0.57
C VAL A 79 9.55 -10.43 1.45
N PHE A 80 10.86 -10.29 1.50
CA PHE A 80 11.72 -11.19 2.28
C PHE A 80 12.35 -10.40 3.41
N TYR A 81 12.17 -10.80 4.66
CA TYR A 81 12.77 -10.20 5.84
C TYR A 81 13.85 -11.10 6.41
N PRO A 82 15.12 -10.79 6.23
CA PRO A 82 16.15 -11.68 6.79
C PRO A 82 15.95 -11.83 8.31
N LYS A 83 16.22 -13.01 8.82
CA LYS A 83 16.18 -13.21 10.28
C LYS A 83 16.96 -12.11 10.97
N GLY A 84 16.38 -11.61 12.07
CA GLY A 84 16.99 -10.50 12.79
C GLY A 84 16.41 -9.14 12.44
N PHE A 85 15.68 -9.04 11.34
CA PHE A 85 15.02 -7.76 11.01
C PHE A 85 14.14 -7.31 12.15
N ASP A 86 14.20 -6.05 12.52
CA ASP A 86 13.40 -5.52 13.61
C ASP A 86 12.27 -4.69 13.01
N PHE A 87 11.05 -5.24 13.11
CA PHE A 87 9.89 -4.54 12.56
C PHE A 87 9.47 -3.32 13.35
N ALA A 88 10.09 -3.10 14.52
CA ALA A 88 9.76 -1.96 15.35
C ALA A 88 8.25 -1.95 15.63
N ARG A 89 7.56 -0.83 15.41
CA ARG A 89 6.11 -0.77 15.65
C ARG A 89 5.35 -0.55 14.35
N GLY A 90 5.98 -0.99 13.27
CA GLY A 90 5.29 -1.00 11.97
C GLY A 90 5.81 -0.03 10.95
N GLY A 91 5.23 -0.02 9.74
CA GLY A 91 5.67 0.93 8.71
C GLY A 91 4.84 0.66 7.46
N LYS A 92 5.06 1.38 6.37
CA LYS A 92 4.25 1.25 5.17
C LYS A 92 4.95 0.41 4.10
N HIS A 93 4.10 -0.21 3.28
CA HIS A 93 4.49 -0.79 2.01
C HIS A 93 3.98 0.13 0.91
N GLY A 94 2.69 0.07 0.62
CA GLY A 94 2.09 0.91 -0.40
C GLY A 94 0.66 0.47 -0.68
N GLY A 95 0.08 1.03 -1.74
CA GLY A 95 -1.33 0.68 -1.93
C GLY A 95 -1.96 1.53 -3.02
N THR A 96 -3.29 1.55 -3.00
CA THR A 96 -4.08 2.08 -4.13
C THR A 96 -4.72 3.39 -3.72
N PHE A 97 -4.68 4.37 -4.61
CA PHE A 97 -5.18 5.68 -4.27
C PHE A 97 -6.40 5.94 -5.17
N ILE A 98 -7.39 6.59 -4.59
N ILE A 98 -7.38 6.63 -4.61
CA ILE A 98 -8.68 6.90 -5.22
CA ILE A 98 -8.67 6.85 -5.25
C ILE A 98 -8.68 8.38 -5.53
C ILE A 98 -8.94 8.34 -5.43
N GLY A 99 -9.30 8.71 -6.67
CA GLY A 99 -9.55 10.13 -6.92
C GLY A 99 -8.27 10.92 -7.04
N HIS A 100 -8.28 12.15 -6.57
CA HIS A 100 -7.12 13.03 -6.61
C HIS A 100 -7.07 13.78 -5.29
N GLY A 101 -5.94 14.35 -4.92
CA GLY A 101 -5.83 15.03 -3.65
C GLY A 101 -5.22 14.15 -2.56
N ALA A 102 -4.84 14.79 -1.46
CA ALA A 102 -4.24 14.16 -0.30
C ALA A 102 -5.06 13.02 0.31
N ALA A 103 -4.33 11.99 0.76
CA ALA A 103 -4.94 10.85 1.44
C ALA A 103 -3.84 10.04 2.10
N SER A 104 -2.92 10.78 2.72
CA SER A 104 -1.83 10.08 3.36
C SER A 104 -1.07 11.14 4.18
N GLY A 105 -0.14 10.69 4.99
CA GLY A 105 0.65 11.63 5.76
C GLY A 105 -0.10 12.64 6.56
N TYR A 106 -1.09 12.23 7.36
CA TYR A 106 -1.80 13.11 8.29
C TYR A 106 -2.57 14.18 7.51
N GLN A 107 -2.79 13.94 6.22
N GLN A 107 -2.78 13.95 6.22
CA GLN A 107 -3.56 14.91 5.45
CA GLN A 107 -3.53 14.85 5.37
C GLN A 107 -4.62 14.23 4.58
C GLN A 107 -4.66 14.12 4.64
N HIS A 108 -5.82 14.78 4.61
CA HIS A 108 -7.01 14.21 3.99
C HIS A 108 -7.50 15.18 2.93
N SER A 109 -8.41 14.74 2.10
CA SER A 109 -9.07 15.67 1.17
C SER A 109 -10.47 15.15 0.90
N LYS A 110 -11.32 16.00 0.33
CA LYS A 110 -12.67 15.62 -0.04
C LYS A 110 -12.75 14.61 -1.19
N THR A 111 -11.73 14.63 -2.04
CA THR A 111 -11.71 13.92 -3.31
C THR A 111 -10.74 12.74 -3.36
N GLY A 112 -9.94 12.53 -2.31
CA GLY A 112 -8.95 11.46 -2.39
C GLY A 112 -9.13 10.48 -1.22
N ALA A 113 -8.76 9.24 -1.50
CA ALA A 113 -8.75 8.19 -0.48
C ALA A 113 -7.57 7.26 -0.74
N SER A 114 -7.17 6.47 0.27
CA SER A 114 -6.13 5.49 -0.03
C SER A 114 -6.33 4.20 0.75
N ASN A 115 -5.88 3.11 0.14
CA ASN A 115 -5.96 1.77 0.71
C ASN A 115 -4.59 1.13 0.68
N ARG A 116 -3.90 1.06 1.82
CA ARG A 116 -2.51 0.60 1.84
C ARG A 116 -2.26 -0.53 2.79
N ILE A 117 -1.16 -1.22 2.55
CA ILE A 117 -0.64 -2.21 3.46
C ILE A 117 0.34 -1.54 4.45
N MET A 118 0.17 -1.78 5.74
CA MET A 118 1.24 -1.46 6.71
C MET A 118 1.70 -2.78 7.33
N TRP A 119 2.99 -2.89 7.64
CA TRP A 119 3.40 -3.92 8.58
C TRP A 119 3.24 -3.33 10.01
N GLN A 120 3.38 -4.24 10.95
CA GLN A 120 3.23 -3.90 12.37
C GLN A 120 4.30 -4.62 13.19
N GLU A 121 4.25 -4.39 14.51
N GLU A 121 4.22 -4.39 14.50
CA GLU A 121 5.20 -5.08 15.39
CA GLU A 121 5.07 -5.12 15.45
C GLU A 121 5.16 -6.59 15.16
C GLU A 121 5.14 -6.61 15.16
N LYS A 122 6.33 -7.19 15.32
CA LYS A 122 6.56 -8.60 15.14
C LYS A 122 6.00 -9.16 13.85
N GLY A 123 6.03 -8.32 12.80
CA GLY A 123 5.64 -8.87 11.51
C GLY A 123 4.15 -8.92 11.26
N GLY A 124 3.36 -8.19 12.01
CA GLY A 124 1.92 -8.19 11.77
C GLY A 124 1.62 -7.42 10.49
N VAL A 125 0.38 -7.51 10.04
CA VAL A 125 -0.04 -6.73 8.87
C VAL A 125 -1.41 -6.12 9.15
N ILE A 126 -1.66 -4.92 8.65
CA ILE A 126 -2.98 -4.32 8.71
C ILE A 126 -3.32 -3.66 7.37
N ASP A 127 -4.61 -3.53 7.17
CA ASP A 127 -5.12 -2.67 6.08
C ASP A 127 -5.15 -1.26 6.64
N TYR A 128 -4.60 -0.25 5.96
CA TYR A 128 -4.53 1.09 6.56
C TYR A 128 -5.22 2.05 5.59
N ILE A 129 -6.30 2.68 5.97
CA ILE A 129 -7.16 3.42 5.05
C ILE A 129 -7.27 4.87 5.42
N TYR A 130 -7.09 5.77 4.46
CA TYR A 130 -7.41 7.19 4.64
C TYR A 130 -8.73 7.41 3.88
N PRO A 131 -9.85 7.61 4.53
CA PRO A 131 -11.12 7.86 3.83
C PRO A 131 -11.25 9.32 3.47
N PRO A 132 -12.12 9.68 2.52
CA PRO A 132 -12.24 11.12 2.18
C PRO A 132 -12.90 11.97 3.27
N SER A 133 -12.49 13.21 3.30
CA SER A 133 -13.09 14.31 4.03
C SER A 133 -14.56 14.48 3.63
N ASP A 134 -15.40 14.76 4.64
CA ASP A 134 -16.78 15.17 4.39
C ASP A 134 -17.51 14.18 3.51
N LEU A 135 -17.50 12.95 4.00
CA LEU A 135 -18.16 11.85 3.31
C LEU A 135 -18.58 10.80 4.33
N LYS A 136 -19.86 10.45 4.25
CA LYS A 136 -20.47 9.51 5.17
C LYS A 136 -19.76 8.16 5.16
N GLN A 137 -19.56 7.63 6.37
CA GLN A 137 -19.11 6.26 6.52
C GLN A 137 -20.03 5.54 7.53
N LYS A 138 -20.31 4.27 7.37
CA LYS A 138 -21.05 3.52 8.41
C LYS A 138 -20.13 2.54 9.13
N ILE A 139 -18.91 2.37 8.65
CA ILE A 139 -17.95 1.48 9.32
C ILE A 139 -17.45 2.22 10.55
N PRO A 140 -17.56 1.60 11.72
CA PRO A 140 -17.17 2.33 12.94
C PRO A 140 -15.68 2.69 12.93
N GLY A 141 -15.42 3.94 13.28
CA GLY A 141 -14.08 4.46 13.38
C GLY A 141 -13.52 4.96 12.07
N LEU A 142 -14.26 4.71 10.97
CA LEU A 142 -13.67 5.17 9.69
C LEU A 142 -13.90 6.65 9.49
N ASP A 143 -12.97 7.43 10.06
CA ASP A 143 -13.10 8.87 9.99
C ASP A 143 -11.85 9.57 9.45
N PRO A 144 -12.09 10.61 8.64
CA PRO A 144 -11.03 11.35 7.96
C PRO A 144 -10.43 12.41 8.88
N GLU A 145 -9.87 11.92 9.97
N GLU A 145 -9.87 11.89 9.96
CA GLU A 145 -9.18 12.81 10.90
CA GLU A 145 -9.23 12.65 11.01
C GLU A 145 -7.98 12.07 11.48
C GLU A 145 -7.92 11.98 11.43
N GLY A 146 -6.89 12.80 11.60
CA GLY A 146 -5.62 12.33 12.10
C GLY A 146 -4.89 11.37 11.18
N HIS A 147 -4.50 10.21 11.73
CA HIS A 147 -3.74 9.31 10.86
C HIS A 147 -4.74 8.36 10.19
N GLY A 148 -4.24 7.33 9.53
CA GLY A 148 -5.20 6.47 8.81
C GLY A 148 -5.81 5.48 9.79
N ILE A 149 -6.78 4.74 9.30
CA ILE A 149 -7.57 3.83 10.11
C ILE A 149 -7.14 2.40 9.82
N GLY A 150 -6.77 1.65 10.86
CA GLY A 150 -6.30 0.27 10.67
C GLY A 150 -7.42 -0.75 10.80
N PHE A 151 -7.32 -1.78 9.99
CA PHE A 151 -8.18 -2.97 10.06
C PHE A 151 -7.38 -4.25 9.97
N PHE A 152 -7.94 -5.36 10.49
CA PHE A 152 -7.38 -6.69 10.54
C PHE A 152 -6.21 -6.86 11.53
N GLN A 153 -6.11 -5.97 12.49
CA GLN A 153 -5.10 -6.09 13.55
C GLN A 153 -5.02 -7.50 14.16
N ASP A 154 -6.15 -8.08 14.55
CA ASP A 154 -6.11 -9.41 15.12
C ASP A 154 -5.85 -10.54 14.13
N ASP A 155 -6.02 -10.22 12.83
CA ASP A 155 -6.11 -11.32 11.87
C ASP A 155 -4.80 -11.68 11.18
N PHE A 156 -3.79 -10.80 11.27
CA PHE A 156 -2.48 -11.10 10.68
C PHE A 156 -1.38 -10.92 11.70
N LYS A 157 -1.59 -11.33 12.95
CA LYS A 157 -0.47 -11.27 13.92
C LYS A 157 0.70 -12.12 13.49
N ASN A 158 1.94 -11.62 13.54
N ASN A 158 1.89 -11.51 13.54
CA ASN A 158 3.16 -12.26 13.09
CA ASN A 158 3.08 -12.27 13.20
C ASN A 158 2.95 -13.03 11.79
C ASN A 158 2.97 -12.93 11.82
N ALA A 159 2.23 -12.35 10.89
CA ALA A 159 1.99 -13.04 9.60
C ALA A 159 3.23 -13.06 8.71
N LEU A 160 4.02 -12.01 8.83
CA LEU A 160 5.24 -11.87 8.03
C LEU A 160 6.35 -12.67 8.69
N LYS A 161 6.75 -13.76 8.08
CA LYS A 161 7.75 -14.65 8.63
C LYS A 161 9.15 -14.28 8.13
N TYR A 162 10.17 -14.79 8.82
CA TYR A 162 11.54 -14.54 8.39
C TYR A 162 12.09 -15.52 7.37
N ASP A 163 13.06 -15.09 6.59
CA ASP A 163 13.81 -15.92 5.67
C ASP A 163 12.93 -16.61 4.62
N VAL A 164 11.82 -16.00 4.27
CA VAL A 164 10.98 -16.57 3.21
C VAL A 164 10.33 -15.44 2.40
N TRP A 165 9.83 -15.83 1.23
CA TRP A 165 9.07 -14.84 0.49
C TRP A 165 7.63 -14.80 0.97
N ASN A 166 7.29 -13.75 1.72
CA ASN A 166 5.91 -13.48 2.10
C ASN A 166 5.15 -12.93 0.91
N ARG A 167 3.97 -13.47 0.67
CA ARG A 167 3.11 -12.98 -0.41
C ARG A 167 2.01 -12.10 0.14
N ILE A 168 1.96 -10.89 -0.37
CA ILE A 168 0.99 -9.92 0.07
C ILE A 168 0.13 -9.42 -1.08
N GLU A 169 -1.15 -9.22 -0.85
CA GLU A 169 -2.02 -8.59 -1.86
C GLU A 169 -2.97 -7.64 -1.16
N ILE A 170 -3.36 -6.59 -1.89
CA ILE A 170 -4.37 -5.67 -1.38
C ILE A 170 -5.34 -5.36 -2.54
N GLY A 171 -6.60 -5.63 -2.21
CA GLY A 171 -7.64 -5.43 -3.24
C GLY A 171 -8.52 -4.27 -2.85
N THR A 172 -8.95 -3.48 -3.82
CA THR A 172 -9.75 -2.31 -3.65
C THR A 172 -10.93 -2.34 -4.64
N LYS A 173 -12.15 -2.16 -4.14
CA LYS A 173 -13.29 -2.16 -5.04
C LYS A 173 -14.16 -0.97 -4.72
N MET A 174 -14.40 -0.08 -5.69
CA MET A 174 -15.20 1.11 -5.53
C MET A 174 -16.64 0.82 -5.09
N ASN A 175 -17.16 1.75 -4.32
CA ASN A 175 -18.60 1.73 -4.10
C ASN A 175 -19.29 2.03 -5.43
N THR A 176 -20.57 1.71 -5.49
CA THR A 176 -21.43 2.12 -6.59
C THR A 176 -22.07 3.47 -6.24
N PHE A 177 -22.78 4.04 -7.21
CA PHE A 177 -23.45 5.32 -7.03
C PHE A 177 -24.90 5.19 -7.51
N LYS A 178 -25.79 5.90 -6.88
CA LYS A 178 -27.21 5.99 -7.24
C LYS A 178 -27.53 7.48 -7.35
N ASN A 179 -27.72 7.95 -8.58
N ASN A 179 -27.76 7.96 -8.56
CA ASN A 179 -27.96 9.38 -8.74
CA ASN A 179 -27.94 9.39 -8.82
C ASN A 179 -26.84 10.21 -8.12
C ASN A 179 -26.84 10.20 -8.13
N GLY A 180 -25.60 9.78 -8.33
CA GLY A 180 -24.43 10.49 -7.84
C GLY A 180 -24.20 10.33 -6.35
N ILE A 181 -25.08 9.60 -5.67
CA ILE A 181 -24.95 9.33 -4.25
C ILE A 181 -24.18 8.03 -4.01
N PRO A 182 -23.07 8.07 -3.28
CA PRO A 182 -22.30 6.83 -3.08
C PRO A 182 -23.08 5.87 -2.19
N GLN A 183 -22.98 4.58 -2.44
CA GLN A 183 -23.90 3.62 -1.85
C GLN A 183 -23.33 2.75 -0.73
N LEU A 184 -22.26 3.17 -0.07
CA LEU A 184 -21.69 2.45 1.08
C LEU A 184 -21.52 0.97 0.83
N ASP A 185 -20.99 0.65 -0.35
CA ASP A 185 -20.82 -0.76 -0.75
C ASP A 185 -19.45 -1.03 -1.37
N GLY A 186 -18.47 -0.17 -1.05
CA GLY A 186 -17.08 -0.41 -1.53
C GLY A 186 -16.49 -1.51 -0.66
N GLU A 187 -15.37 -2.08 -1.08
CA GLU A 187 -14.78 -3.18 -0.33
C GLU A 187 -13.26 -2.99 -0.34
N SER A 188 -12.64 -3.62 0.65
CA SER A 188 -11.21 -3.85 0.58
C SER A 188 -10.91 -5.28 1.00
N TYR A 189 -9.80 -5.87 0.53
CA TYR A 189 -9.32 -7.10 1.15
C TYR A 189 -7.79 -7.10 1.24
N VAL A 190 -7.33 -7.89 2.20
CA VAL A 190 -5.88 -8.08 2.31
C VAL A 190 -5.61 -9.58 2.31
N ILE A 191 -4.57 -10.00 1.59
CA ILE A 191 -4.13 -11.38 1.63
C ILE A 191 -2.68 -11.42 2.09
N VAL A 192 -2.41 -12.28 3.06
CA VAL A 192 -1.03 -12.50 3.50
C VAL A 192 -0.78 -14.01 3.55
N ASN A 193 0.18 -14.44 2.73
CA ASN A 193 0.53 -15.88 2.68
C ASN A 193 -0.70 -16.78 2.60
N GLY A 194 -1.61 -16.38 1.73
CA GLY A 194 -2.80 -17.18 1.44
C GLY A 194 -3.99 -16.93 2.34
N LYS A 195 -3.86 -16.18 3.43
CA LYS A 195 -5.01 -15.83 4.23
C LYS A 195 -5.60 -14.51 3.81
N LYS A 196 -6.88 -14.51 3.49
N LYS A 196 -6.89 -14.54 3.51
CA LYS A 196 -7.58 -13.31 3.05
CA LYS A 196 -7.66 -13.38 3.08
C LYS A 196 -8.62 -12.87 4.08
C LYS A 196 -8.64 -12.88 4.13
N GLU A 197 -8.66 -11.56 4.31
CA GLU A 197 -9.63 -10.89 5.11
C GLU A 197 -10.27 -9.77 4.29
N VAL A 198 -11.58 -9.61 4.45
CA VAL A 198 -12.33 -8.66 3.64
C VAL A 198 -13.05 -7.64 4.51
N LEU A 199 -13.10 -6.40 4.06
CA LEU A 199 -13.83 -5.31 4.66
C LEU A 199 -14.84 -4.76 3.66
N LYS A 200 -16.13 -4.79 4.02
CA LYS A 200 -17.17 -4.25 3.16
C LYS A 200 -17.83 -3.01 3.77
N ARG A 201 -18.55 -2.30 2.93
CA ARG A 201 -19.44 -1.21 3.27
C ARG A 201 -18.72 0.15 3.24
N ILE A 202 -17.72 0.27 2.39
CA ILE A 202 -16.92 1.48 2.34
C ILE A 202 -17.41 2.47 1.30
N ASN A 203 -17.43 3.73 1.64
CA ASN A 203 -17.54 4.82 0.66
C ASN A 203 -16.13 5.23 0.25
N TRP A 204 -15.69 4.83 -0.95
CA TRP A 204 -14.33 5.20 -1.35
C TRP A 204 -14.23 6.57 -2.00
N SER A 205 -15.33 7.07 -2.55
CA SER A 205 -15.34 8.45 -3.06
C SER A 205 -16.76 9.04 -3.07
N ARG A 206 -16.86 10.32 -3.27
CA ARG A 206 -18.08 11.12 -3.18
C ARG A 206 -18.78 11.28 -4.52
N SER A 207 -18.14 10.86 -5.60
N SER A 207 -18.16 10.83 -5.61
CA SER A 207 -18.66 11.09 -6.96
CA SER A 207 -18.81 11.04 -6.91
C SER A 207 -18.15 10.08 -7.97
C SER A 207 -18.19 10.14 -7.96
N PRO A 208 -19.04 9.73 -8.91
CA PRO A 208 -18.75 8.65 -9.86
C PRO A 208 -17.58 8.91 -10.79
N ASP A 209 -17.06 10.13 -10.85
CA ASP A 209 -15.85 10.37 -11.62
C ASP A 209 -14.58 10.17 -10.80
N LEU A 210 -14.72 9.97 -9.50
CA LEU A 210 -13.55 9.76 -8.63
C LEU A 210 -13.42 8.26 -8.39
N LEU A 211 -12.49 7.64 -9.09
CA LEU A 211 -12.31 6.20 -9.05
C LEU A 211 -10.87 5.83 -8.74
N ILE A 212 -10.57 4.54 -8.88
CA ILE A 212 -9.20 4.10 -8.59
C ILE A 212 -8.28 4.77 -9.59
N SER A 213 -7.21 5.43 -9.13
N SER A 213 -7.24 5.44 -9.11
CA SER A 213 -6.42 6.25 -10.06
CA SER A 213 -6.40 6.26 -9.99
C SER A 213 -4.94 5.93 -10.12
C SER A 213 -5.02 5.64 -10.21
N ARG A 214 -4.35 5.30 -9.12
CA ARG A 214 -2.94 4.91 -9.20
C ARG A 214 -2.53 3.96 -8.09
N PHE A 215 -1.35 3.39 -8.30
CA PHE A 215 -0.72 2.60 -7.25
C PHE A 215 0.45 3.42 -6.73
N ASP A 216 0.46 3.72 -5.43
CA ASP A 216 1.60 4.46 -4.87
CA ASP A 216 1.56 4.47 -4.83
C ASP A 216 2.38 3.58 -3.92
N TRP A 217 3.66 3.40 -4.26
CA TRP A 217 4.54 2.62 -3.41
C TRP A 217 5.38 3.59 -2.59
N ASN A 218 5.44 3.36 -1.27
CA ASN A 218 6.27 4.29 -0.50
C ASN A 218 6.56 3.56 0.82
N THR A 219 7.71 2.91 0.88
CA THR A 219 7.95 2.04 2.06
C THR A 219 8.91 2.73 3.01
N PHE A 220 8.55 2.69 4.30
CA PHE A 220 9.37 3.37 5.29
C PHE A 220 8.84 2.97 6.67
N PHE A 221 9.67 3.14 7.70
CA PHE A 221 9.23 2.87 9.06
C PHE A 221 8.35 3.95 9.65
N GLY A 222 7.35 3.47 10.43
CA GLY A 222 6.48 4.35 11.20
C GLY A 222 5.52 5.10 10.30
N GLY A 223 5.14 6.34 10.58
CA GLY A 223 5.49 7.07 11.81
C GLY A 223 4.67 6.47 12.94
N PRO A 224 5.00 6.80 14.17
CA PRO A 224 6.11 7.66 14.54
C PRO A 224 7.43 7.00 14.87
N LEU A 225 7.55 5.68 14.92
CA LEU A 225 8.79 5.08 15.40
C LEU A 225 9.67 4.69 14.20
N PRO A 226 10.87 5.21 14.11
CA PRO A 226 11.72 4.88 12.94
C PRO A 226 12.50 3.61 13.05
N SER A 227 13.31 3.30 12.02
CA SER A 227 14.05 2.06 12.06
C SER A 227 15.04 2.02 13.23
N PRO A 228 14.99 0.97 14.03
CA PRO A 228 15.91 0.93 15.17
C PRO A 228 17.37 0.68 14.82
N LYS A 229 17.64 0.28 13.59
CA LYS A 229 18.97 -0.10 13.15
C LYS A 229 19.07 -0.05 11.62
N ASN A 230 20.31 -0.11 11.14
CA ASN A 230 20.49 -0.24 9.68
C ASN A 230 20.05 -1.63 9.30
N GLN A 231 19.11 -1.76 8.36
CA GLN A 231 18.66 -3.11 7.98
C GLN A 231 18.09 -3.07 6.55
N VAL A 232 17.85 -4.25 5.99
CA VAL A 232 17.33 -4.29 4.62
C VAL A 232 16.20 -5.30 4.53
N ALA A 233 15.28 -5.07 3.58
CA ALA A 233 14.32 -6.12 3.24
C ALA A 233 14.29 -6.19 1.69
N TYR A 234 13.79 -7.27 1.10
CA TYR A 234 13.80 -7.36 -0.37
C TYR A 234 12.36 -7.48 -0.88
N PHE A 235 12.04 -6.73 -1.92
CA PHE A 235 10.71 -6.74 -2.51
C PHE A 235 10.80 -7.27 -3.94
N THR A 236 9.78 -8.08 -4.30
CA THR A 236 9.86 -8.61 -5.67
C THR A 236 8.46 -8.94 -6.19
N ASN A 237 8.37 -9.16 -7.50
CA ASN A 237 7.13 -9.70 -8.11
C ASN A 237 5.94 -8.83 -7.81
N PHE A 238 6.08 -7.54 -8.14
CA PHE A 238 4.99 -6.61 -8.07
C PHE A 238 4.01 -6.94 -9.20
N GLN A 239 2.77 -7.23 -8.84
CA GLN A 239 1.77 -7.66 -9.84
C GLN A 239 0.53 -6.81 -9.68
N MET A 240 -0.16 -6.62 -10.80
CA MET A 240 -1.50 -6.04 -10.83
C MET A 240 -2.42 -7.21 -11.19
N LYS A 241 -3.48 -7.38 -10.46
CA LYS A 241 -4.31 -8.58 -10.52
C LYS A 241 -5.79 -8.21 -10.55
N LYS A 242 -6.61 -9.09 -11.13
CA LYS A 242 -8.04 -8.87 -11.08
C LYS A 242 -8.53 -8.90 -9.65
N TYR A 243 -9.50 -8.04 -9.33
CA TYR A 243 -10.06 -8.05 -7.99
C TYR A 243 -10.84 -9.36 -7.82
N GLU A 244 -10.53 -10.10 -6.77
CA GLU A 244 -11.23 -11.35 -6.55
C GLU A 244 -12.48 -11.07 -5.71
C1 BDP B . 0.21 8.08 6.40
C2 BDP B . 0.95 7.77 7.70
C3 BDP B . 2.27 8.47 7.89
C4 BDP B . 3.03 8.63 6.57
C5 BDP B . 2.19 8.75 5.33
C6 BDP B . 2.96 8.89 4.04
O2 BDP B . -0.06 7.87 8.70
O3 BDP B . 3.24 7.94 8.84
O4 BDP B . 3.94 9.72 6.69
O5 BDP B . 1.02 7.97 5.25
O6A BDP B . 3.91 9.72 4.02
O6B BDP B . 2.66 8.20 3.01
#